data_8DC0
#
_entry.id   8DC0
#
_cell.length_a   76.456
_cell.length_b   90.453
_cell.length_c   98.872
_cell.angle_alpha   90.000
_cell.angle_beta   90.000
_cell.angle_gamma   90.000
#
_symmetry.space_group_name_H-M   'I 2 2 2'
#
loop_
_entity.id
_entity.type
_entity.pdbx_description
1 polymer 'Transforming growth factor beta receptor type 3'
2 polymer 'Transforming growth factor beta-2'
3 water water
#
loop_
_entity_poly.entity_id
_entity_poly.type
_entity_poly.pdbx_seq_one_letter_code
_entity_poly.pdbx_strand_id
1 'polypeptide(L)'
;GNATFNMELYNTDLFLVPSPGVFSVAENEHVYVEVSVTKADQDLGFAIQTCFLSPYSNPDRMSDYTIIENICPKDDSVKF
YSSKRVHFPIPHAEVDKKRFSFLFKSVFNTSLLFLHCELTLCSRKKGSLKLPRCVTPDDACTSLDATMIWTMMQNKKTFT
KPLAVVLQHHHHHH
;
A
2 'polypeptide(L)'
;ALDAAYCFRNVQDNCCLRPLYIDFRKDLGWKWIHEPKGYNANFCAGACPYLWSSDTQHSRVLSLYNTINPRASKSPRCRS
QDLEPLTIVYYVGRKPKVEQLSNMIVKSCKCS
;
B
#
# COMPACT_ATOMS: atom_id res chain seq x y z
N ALA A 3 5.12 19.66 0.01
CA ALA A 3 3.87 18.92 0.21
C ALA A 3 3.88 18.19 1.54
N THR A 4 3.06 18.62 2.47
CA THR A 4 3.04 18.01 3.80
C THR A 4 1.77 17.21 4.01
N PHE A 5 1.87 16.14 4.79
CA PHE A 5 0.69 15.30 5.02
C PHE A 5 0.47 15.10 6.51
N ASN A 6 -0.78 14.82 6.88
CA ASN A 6 -1.16 14.63 8.27
C ASN A 6 -2.34 13.67 8.37
N MET A 7 -2.45 13.00 9.51
CA MET A 7 -3.60 12.18 9.86
C MET A 7 -4.07 12.59 11.24
N GLU A 8 -5.37 12.84 11.38
CA GLU A 8 -5.94 13.24 12.67
C GLU A 8 -7.24 12.49 12.94
N LEU A 9 -7.52 12.29 14.22
CA LEU A 9 -8.76 11.67 14.68
C LEU A 9 -9.67 12.73 15.27
N TYR A 10 -10.98 12.58 15.04
CA TYR A 10 -11.95 13.56 15.47
C TYR A 10 -12.99 12.91 16.37
N ASN A 11 -13.69 13.75 17.14
CA ASN A 11 -14.67 13.26 18.11
C ASN A 11 -15.92 12.72 17.43
N THR A 12 -16.35 13.35 16.34
CA THR A 12 -17.65 13.04 15.73
C THR A 12 -17.49 13.05 14.22
N ASP A 13 -18.57 12.64 13.54
CA ASP A 13 -18.64 12.73 12.09
C ASP A 13 -18.80 14.16 11.58
N LEU A 14 -18.87 15.16 12.45
CA LEU A 14 -18.83 16.55 12.00
C LEU A 14 -17.42 17.01 11.67
N PHE A 15 -16.39 16.28 12.12
CA PHE A 15 -15.00 16.61 11.83
C PHE A 15 -14.69 18.06 12.19
N LEU A 16 -15.20 18.50 13.33
CA LEU A 16 -14.97 19.86 13.79
C LEU A 16 -13.89 19.96 14.85
N VAL A 17 -13.77 18.95 15.72
CA VAL A 17 -12.94 19.04 16.91
C VAL A 17 -11.94 17.90 16.88
N PRO A 18 -10.67 18.15 16.54
CA PRO A 18 -9.67 17.08 16.56
C PRO A 18 -9.44 16.61 17.98
N SER A 19 -9.27 15.30 18.13
CA SER A 19 -9.28 14.71 19.46
C SER A 19 -7.99 15.04 20.20
N PRO A 20 -8.06 15.51 21.46
CA PRO A 20 -6.84 15.78 22.21
C PRO A 20 -6.24 14.50 22.79
N GLY A 21 -4.92 14.50 22.91
CA GLY A 21 -4.24 13.39 23.56
C GLY A 21 -4.28 12.13 22.70
N VAL A 22 -4.42 10.99 23.37
CA VAL A 22 -4.54 9.69 22.70
C VAL A 22 -6.02 9.37 22.58
N PHE A 23 -6.51 9.24 21.34
CA PHE A 23 -7.92 8.95 21.14
C PHE A 23 -8.30 7.68 21.89
N SER A 24 -9.35 7.74 22.69
CA SER A 24 -9.79 6.59 23.48
C SER A 24 -11.08 6.05 22.93
N VAL A 25 -11.16 4.72 22.77
CA VAL A 25 -12.27 4.07 22.10
C VAL A 25 -12.61 2.79 22.83
N ALA A 26 -13.87 2.37 22.72
CA ALA A 26 -14.34 1.09 23.23
C ALA A 26 -15.07 0.37 22.11
N GLU A 27 -15.31 -0.93 22.33
CA GLU A 27 -16.04 -1.75 21.36
C GLU A 27 -17.38 -1.09 21.06
N ASN A 28 -17.74 -1.07 19.77
CA ASN A 28 -19.00 -0.54 19.23
C ASN A 28 -19.04 0.99 19.21
N GLU A 29 -17.93 1.66 19.39
CA GLU A 29 -17.82 3.10 19.19
C GLU A 29 -17.12 3.37 17.87
N HIS A 30 -17.38 4.53 17.29
CA HIS A 30 -16.80 4.84 15.98
C HIS A 30 -15.50 5.60 16.13
N VAL A 31 -14.65 5.47 15.11
CA VAL A 31 -13.41 6.23 14.97
C VAL A 31 -13.53 7.07 13.72
N TYR A 32 -13.24 8.36 13.81
CA TYR A 32 -13.40 9.30 12.71
C TYR A 32 -12.02 9.78 12.28
N VAL A 33 -11.65 9.44 11.05
CA VAL A 33 -10.29 9.59 10.56
C VAL A 33 -10.30 10.59 9.44
N GLU A 34 -9.38 11.54 9.48
CA GLU A 34 -9.18 12.51 8.42
C GLU A 34 -7.72 12.48 8.02
N VAL A 35 -7.47 12.27 6.73
CA VAL A 35 -6.13 12.33 6.16
C VAL A 35 -6.06 13.55 5.26
N SER A 36 -4.94 14.27 5.30
CA SER A 36 -4.87 15.57 4.67
C SER A 36 -3.51 15.79 4.01
N VAL A 37 -3.49 16.70 3.05
CA VAL A 37 -2.23 17.05 2.41
C VAL A 37 -2.23 18.53 2.09
N THR A 38 -1.13 19.21 2.40
CA THR A 38 -1.03 20.60 2.04
C THR A 38 0.04 20.67 0.97
N LYS A 39 -0.38 20.92 -0.27
CA LYS A 39 0.57 20.90 -1.37
C LYS A 39 0.41 22.09 -2.29
N ALA A 40 1.46 22.41 -3.02
CA ALA A 40 1.41 23.54 -3.94
C ALA A 40 0.75 23.15 -5.26
N ASP A 41 1.08 21.96 -5.77
CA ASP A 41 0.55 21.56 -7.07
C ASP A 41 -0.90 21.13 -6.98
N GLN A 42 -1.76 21.84 -7.68
CA GLN A 42 -3.17 21.43 -7.69
C GLN A 42 -3.36 20.08 -8.34
N ASP A 43 -2.49 19.71 -9.28
CA ASP A 43 -2.60 18.43 -9.97
C ASP A 43 -2.33 17.23 -9.05
N LEU A 44 -1.73 17.45 -7.88
CA LEU A 44 -1.38 16.35 -6.98
C LEU A 44 -2.58 15.94 -6.13
N GLY A 45 -2.88 14.65 -6.11
CA GLY A 45 -3.89 14.09 -5.23
C GLY A 45 -3.33 12.90 -4.47
N PHE A 46 -4.19 12.25 -3.70
CA PHE A 46 -3.81 11.02 -3.03
C PHE A 46 -5.02 10.13 -2.89
N ALA A 47 -4.73 8.85 -2.64
CA ALA A 47 -5.74 7.86 -2.31
C ALA A 47 -5.37 7.26 -0.95
N ILE A 48 -6.39 6.91 -0.17
CA ILE A 48 -6.21 6.11 1.03
C ILE A 48 -6.11 4.66 0.57
N GLN A 49 -4.89 4.13 0.53
CA GLN A 49 -4.64 2.83 -0.08
C GLN A 49 -5.02 1.70 0.86
N THR A 50 -4.52 1.76 2.10
CA THR A 50 -4.67 0.66 3.03
C THR A 50 -4.63 1.23 4.45
N CYS A 51 -5.55 0.78 5.30
CA CYS A 51 -5.57 1.13 6.71
C CYS A 51 -5.84 -0.12 7.55
N PHE A 52 -5.21 -0.18 8.69
CA PHE A 52 -5.36 -1.33 9.56
C PHE A 52 -4.99 -0.99 11.00
N LEU A 53 -5.44 -1.82 11.92
CA LEU A 53 -5.12 -1.62 13.32
C LEU A 53 -4.19 -2.71 13.78
N SER A 54 -3.20 -2.35 14.56
CA SER A 54 -2.27 -3.33 15.08
C SER A 54 -1.76 -3.01 16.46
N PRO A 55 -1.41 -4.03 17.20
CA PRO A 55 -0.76 -3.77 18.50
C PRO A 55 0.67 -3.27 18.36
N TYR A 56 1.26 -3.32 17.18
CA TYR A 56 2.65 -2.94 16.96
C TYR A 56 2.73 -1.53 16.39
N SER A 57 3.64 -0.72 16.94
CA SER A 57 3.90 0.61 16.42
C SER A 57 4.57 0.56 15.06
N ASN A 58 5.17 -0.56 14.69
CA ASN A 58 5.85 -0.68 13.42
C ASN A 58 4.83 -1.02 12.34
N PRO A 59 4.62 -0.15 11.35
CA PRO A 59 3.61 -0.43 10.31
C PRO A 59 3.99 -1.59 9.40
N ASP A 60 5.24 -2.04 9.43
CA ASP A 60 5.65 -3.20 8.64
C ASP A 60 5.17 -4.51 9.25
N ARG A 61 4.73 -4.47 10.51
CA ARG A 61 4.24 -5.68 11.16
C ARG A 61 2.87 -6.04 10.61
N MET A 62 2.70 -7.32 10.28
CA MET A 62 1.44 -7.77 9.70
C MET A 62 0.27 -7.73 10.68
N SER A 63 -0.92 -7.44 10.17
CA SER A 63 -2.11 -7.40 11.01
C SER A 63 -3.28 -7.99 10.25
N ASP A 64 -4.15 -8.68 10.97
CA ASP A 64 -5.38 -9.23 10.42
C ASP A 64 -6.60 -8.34 10.60
N TYR A 65 -6.45 -7.21 11.30
CA TYR A 65 -7.54 -6.25 11.45
C TYR A 65 -7.37 -5.17 10.38
N THR A 66 -7.82 -5.50 9.18
CA THR A 66 -7.68 -4.64 8.01
C THR A 66 -9.01 -3.95 7.74
N ILE A 67 -8.96 -2.63 7.58
CA ILE A 67 -10.14 -1.81 7.41
C ILE A 67 -10.35 -1.44 5.95
N ILE A 68 -9.29 -0.97 5.31
CA ILE A 68 -9.28 -0.63 3.89
C ILE A 68 -8.09 -1.36 3.27
N GLU A 69 -8.32 -2.02 2.13
CA GLU A 69 -7.26 -2.76 1.46
C GLU A 69 -7.27 -2.44 -0.03
N ASN A 70 -6.30 -1.63 -0.46
CA ASN A 70 -6.25 -1.20 -1.85
C ASN A 70 -7.45 -0.32 -2.18
N ILE A 71 -7.61 0.77 -1.44
CA ILE A 71 -8.70 1.73 -1.69
C ILE A 71 -10.10 1.23 -1.30
N CYS A 72 -10.48 0.04 -1.77
CA CYS A 72 -11.79 -0.50 -1.45
C CYS A 72 -11.84 -0.88 0.03
N PRO A 73 -12.87 -0.50 0.77
CA PRO A 73 -12.95 -0.91 2.17
C PRO A 73 -13.14 -2.41 2.28
N LYS A 74 -12.46 -3.00 3.25
CA LYS A 74 -12.67 -4.41 3.57
C LYS A 74 -13.66 -4.60 4.69
N ASP A 75 -13.64 -3.71 5.68
CA ASP A 75 -14.56 -3.80 6.81
C ASP A 75 -15.92 -3.25 6.42
N ASP A 76 -16.97 -3.98 6.81
CA ASP A 76 -18.32 -3.63 6.42
C ASP A 76 -18.81 -2.32 7.05
N SER A 77 -18.14 -1.84 8.09
CA SER A 77 -18.53 -0.63 8.82
C SER A 77 -17.96 0.66 8.24
N VAL A 78 -17.14 0.58 7.19
CA VAL A 78 -16.45 1.77 6.70
C VAL A 78 -17.44 2.68 5.98
N LYS A 79 -17.39 3.97 6.30
CA LYS A 79 -18.18 4.97 5.60
C LYS A 79 -17.24 6.10 5.21
N PHE A 80 -17.35 6.57 3.98
CA PHE A 80 -16.56 7.69 3.50
C PHE A 80 -17.42 8.95 3.54
N TYR A 81 -16.78 10.08 3.81
CA TYR A 81 -17.45 11.37 3.86
C TYR A 81 -16.83 12.31 2.84
N SER A 82 -17.68 13.11 2.20
CA SER A 82 -17.20 14.13 1.29
C SER A 82 -16.64 15.31 2.07
N SER A 83 -15.55 15.88 1.56
CA SER A 83 -15.04 17.16 2.04
C SER A 83 -14.92 18.17 0.90
N LYS A 84 -15.45 17.85 -0.27
CA LYS A 84 -15.35 18.67 -1.47
C LYS A 84 -16.75 18.95 -2.01
N ARG A 85 -17.63 19.38 -1.11
CA ARG A 85 -19.03 19.61 -1.40
C ARG A 85 -19.27 21.11 -1.49
N VAL A 86 -19.86 21.56 -2.61
CA VAL A 86 -20.16 22.98 -2.76
C VAL A 86 -21.23 23.39 -1.75
N HIS A 87 -21.05 24.57 -1.16
CA HIS A 87 -21.90 25.11 -0.11
C HIS A 87 -21.81 24.32 1.20
N PHE A 88 -20.78 23.48 1.34
CA PHE A 88 -20.52 22.71 2.55
C PHE A 88 -19.07 22.98 2.95
N PRO A 89 -18.81 24.08 3.66
CA PRO A 89 -17.43 24.45 3.97
C PRO A 89 -16.81 23.59 5.05
N ILE A 90 -15.51 23.41 4.93
CA ILE A 90 -14.77 22.68 5.92
C ILE A 90 -13.67 23.62 6.36
N PRO A 91 -13.10 23.37 7.53
CA PRO A 91 -12.02 24.22 8.02
C PRO A 91 -10.72 24.06 7.25
N HIS A 92 -9.91 25.12 7.18
CA HIS A 92 -8.62 25.09 6.49
C HIS A 92 -8.75 24.79 5.03
N ALA A 93 -8.97 25.83 4.23
CA ALA A 93 -9.17 25.65 2.80
C ALA A 93 -7.92 25.17 2.09
N GLU A 94 -6.76 25.65 2.50
CA GLU A 94 -5.50 25.28 1.87
C GLU A 94 -5.19 23.81 2.06
N VAL A 95 -6.15 23.06 2.56
CA VAL A 95 -5.84 21.67 2.89
C VAL A 95 -6.85 20.79 2.16
N ASP A 96 -6.36 19.76 1.47
CA ASP A 96 -7.22 18.79 0.81
C ASP A 96 -7.27 17.49 1.62
N LYS A 97 -8.48 16.99 1.84
CA LYS A 97 -8.74 16.01 2.88
C LYS A 97 -9.56 14.86 2.33
N LYS A 98 -9.37 13.68 2.93
CA LYS A 98 -10.29 12.58 2.78
C LYS A 98 -10.67 12.07 4.16
N ARG A 99 -11.94 11.75 4.35
CA ARG A 99 -12.47 11.41 5.66
C ARG A 99 -13.23 10.10 5.59
N PHE A 100 -13.07 9.27 6.61
CA PHE A 100 -13.84 8.05 6.72
C PHE A 100 -14.01 7.71 8.19
N SER A 101 -14.88 6.73 8.45
CA SER A 101 -15.11 6.25 9.80
C SER A 101 -15.25 4.73 9.75
N PHE A 102 -15.01 4.10 10.89
CA PHE A 102 -15.24 2.68 11.05
C PHE A 102 -15.73 2.43 12.48
N LEU A 103 -16.35 1.27 12.66
CA LEU A 103 -16.84 0.84 13.97
C LEU A 103 -15.78 -0.04 14.62
N PHE A 104 -15.38 0.32 15.84
CA PHE A 104 -14.31 -0.41 16.51
C PHE A 104 -14.81 -1.76 17.00
N LYS A 105 -14.10 -2.82 16.61
CA LYS A 105 -14.43 -4.18 17.02
C LYS A 105 -13.37 -4.67 17.98
N SER A 106 -13.80 -5.39 19.01
CA SER A 106 -12.88 -6.02 19.95
C SER A 106 -12.28 -7.25 19.28
N VAL A 107 -11.05 -7.12 18.82
CA VAL A 107 -10.32 -8.28 18.31
C VAL A 107 -8.99 -8.50 19.01
N PHE A 108 -8.43 -7.48 19.65
CA PHE A 108 -7.19 -7.58 20.40
C PHE A 108 -7.49 -7.47 21.89
N ASN A 109 -6.50 -7.84 22.70
CA ASN A 109 -6.62 -7.89 24.15
C ASN A 109 -5.65 -6.92 24.79
N THR A 110 -5.55 -5.72 24.25
CA THR A 110 -4.57 -4.74 24.71
C THR A 110 -5.26 -3.40 24.90
N SER A 111 -4.67 -2.59 25.78
CA SER A 111 -5.17 -1.25 26.05
C SER A 111 -4.56 -0.22 25.12
N LEU A 112 -3.73 -0.65 24.18
CA LEU A 112 -3.08 0.28 23.27
C LEU A 112 -2.98 -0.35 21.90
N LEU A 113 -3.49 0.35 20.89
CA LEU A 113 -3.41 -0.08 19.51
C LEU A 113 -2.91 1.08 18.68
N PHE A 114 -2.49 0.77 17.45
CA PHE A 114 -2.10 1.77 16.47
C PHE A 114 -2.95 1.66 15.22
N LEU A 115 -3.48 2.79 14.77
CA LEU A 115 -4.06 2.89 13.43
C LEU A 115 -2.95 3.24 12.47
N HIS A 116 -2.74 2.39 11.46
CA HIS A 116 -1.75 2.65 10.44
C HIS A 116 -2.50 2.85 9.14
N CYS A 117 -2.24 3.98 8.46
CA CYS A 117 -2.79 4.22 7.14
C CYS A 117 -1.66 4.55 6.20
N GLU A 118 -1.64 3.92 5.03
CA GLU A 118 -0.74 4.32 3.95
C GLU A 118 -1.54 4.97 2.81
N LEU A 119 -1.02 6.09 2.32
CA LEU A 119 -1.56 6.77 1.16
C LEU A 119 -0.66 6.49 -0.02
N THR A 120 -1.23 6.62 -1.22
CA THR A 120 -0.46 6.59 -2.45
C THR A 120 -0.81 7.86 -3.23
N LEU A 121 0.18 8.40 -3.92
CA LEU A 121 -0.03 9.63 -4.67
C LEU A 121 -0.72 9.33 -6.00
N CYS A 122 -1.39 10.34 -6.54
CA CYS A 122 -2.11 10.20 -7.81
C CYS A 122 -2.20 11.55 -8.51
N SER A 123 -2.51 11.49 -9.81
CA SER A 123 -2.67 12.67 -10.65
C SER A 123 -4.15 12.98 -10.82
N ARG A 124 -4.55 14.22 -10.52
CA ARG A 124 -5.92 14.65 -10.70
C ARG A 124 -6.22 15.11 -12.12
N LYS A 125 -5.20 15.38 -12.92
CA LYS A 125 -5.38 15.91 -14.27
C LYS A 125 -4.47 15.14 -15.22
N LYS A 126 -4.99 14.85 -16.41
CA LYS A 126 -4.34 13.89 -17.30
C LYS A 126 -3.01 14.44 -17.80
N GLY A 127 -1.96 13.62 -17.69
CA GLY A 127 -0.67 13.89 -18.26
C GLY A 127 0.24 14.78 -17.44
N SER A 128 -0.31 15.56 -16.51
CA SER A 128 0.49 16.57 -15.80
C SER A 128 1.60 15.92 -14.97
N LEU A 129 1.26 14.91 -14.17
CA LEU A 129 2.20 14.30 -13.25
C LEU A 129 2.50 12.86 -13.61
N LYS A 130 3.68 12.39 -13.17
CA LYS A 130 4.14 11.02 -13.43
C LYS A 130 3.52 10.03 -12.44
N LEU A 131 2.20 10.09 -12.30
CA LEU A 131 1.49 9.32 -11.29
C LEU A 131 0.22 8.77 -11.92
N PRO A 132 -0.22 7.62 -11.37
CA PRO A 132 -1.49 7.11 -11.87
C PRO A 132 -2.61 8.05 -11.54
N ARG A 133 -3.70 7.94 -12.27
CA ARG A 133 -4.85 8.77 -12.02
C ARG A 133 -5.55 8.36 -10.75
N CYS A 134 -6.20 9.31 -10.11
CA CYS A 134 -6.86 9.04 -8.84
C CYS A 134 -8.05 8.11 -9.09
N VAL A 135 -8.21 7.13 -8.21
CA VAL A 135 -9.33 6.20 -8.28
C VAL A 135 -10.11 6.27 -6.97
N THR A 136 -11.41 6.46 -7.08
CA THR A 136 -12.27 6.51 -5.93
C THR A 136 -12.45 5.10 -5.37
N PRO A 137 -12.87 4.99 -4.10
CA PRO A 137 -13.15 3.65 -3.56
C PRO A 137 -14.20 2.88 -4.35
N ASP A 138 -15.23 3.57 -4.86
CA ASP A 138 -16.26 2.85 -5.61
C ASP A 138 -15.70 2.28 -6.90
N ASP A 139 -14.82 3.00 -7.57
CA ASP A 139 -14.25 2.51 -8.83
C ASP A 139 -13.30 1.36 -8.58
N ALA A 140 -12.55 1.42 -7.48
CA ALA A 140 -11.60 0.34 -7.15
C ALA A 140 -12.32 -0.96 -6.83
N CYS A 141 -13.47 -0.90 -6.14
CA CYS A 141 -14.19 -2.11 -5.80
C CYS A 141 -14.68 -2.83 -7.05
N THR A 142 -15.16 -2.08 -8.06
CA THR A 142 -15.60 -2.71 -9.30
C THR A 142 -14.43 -3.33 -10.06
N SER A 143 -13.30 -2.63 -10.15
CA SER A 143 -12.13 -3.17 -10.84
C SER A 143 -10.86 -2.41 -10.48
N LEU A 144 -9.83 -3.14 -10.08
CA LEU A 144 -8.50 -2.59 -9.83
C LEU A 144 -7.54 -3.75 -9.90
N ASP A 145 -6.48 -3.61 -10.69
CA ASP A 145 -5.63 -4.75 -11.00
C ASP A 145 -4.24 -4.64 -10.37
N ALA A 146 -3.48 -5.74 -10.47
CA ALA A 146 -2.19 -5.82 -9.80
C ALA A 146 -1.19 -4.81 -10.35
N THR A 147 -1.21 -4.59 -11.67
CA THR A 147 -0.25 -3.68 -12.28
C THR A 147 -0.47 -2.25 -11.78
N MET A 148 -1.73 -1.82 -11.69
CA MET A 148 -2.05 -0.52 -11.13
C MET A 148 -1.66 -0.42 -9.66
N ILE A 149 -1.94 -1.46 -8.88
CA ILE A 149 -1.55 -1.43 -7.47
C ILE A 149 -0.04 -1.28 -7.34
N TRP A 150 0.72 -2.07 -8.12
CA TRP A 150 2.18 -1.95 -8.09
C TRP A 150 2.61 -0.52 -8.41
N THR A 151 1.97 0.10 -9.39
CA THR A 151 2.29 1.48 -9.75
C THR A 151 2.00 2.44 -8.61
N MET A 152 0.83 2.33 -7.98
CA MET A 152 0.50 3.23 -6.89
C MET A 152 1.49 3.10 -5.74
N MET A 153 1.93 1.87 -5.44
CA MET A 153 2.80 1.64 -4.29
C MET A 153 4.17 2.30 -4.44
N GLN A 154 4.55 2.73 -5.65
CA GLN A 154 5.84 3.36 -5.85
C GLN A 154 5.96 4.73 -5.17
N ASN A 155 4.83 5.37 -4.85
CA ASN A 155 4.86 6.71 -4.27
C ASN A 155 3.86 6.72 -3.10
N LYS A 156 4.33 6.33 -1.93
CA LYS A 156 3.43 6.10 -0.80
C LYS A 156 4.03 6.64 0.48
N LYS A 157 3.15 7.07 1.38
CA LYS A 157 3.51 7.59 2.70
C LYS A 157 2.62 6.93 3.74
N THR A 158 3.19 6.54 4.87
CA THR A 158 2.46 5.83 5.91
C THR A 158 2.34 6.70 7.16
N PHE A 159 1.18 6.62 7.82
CA PHE A 159 0.93 7.39 9.02
C PHE A 159 0.41 6.48 10.12
N THR A 160 0.67 6.88 11.36
CA THR A 160 0.41 6.05 12.54
C THR A 160 -0.12 6.95 13.64
N LYS A 161 -1.26 6.56 14.23
CA LYS A 161 -1.72 7.24 15.43
C LYS A 161 -2.12 6.21 16.48
N PRO A 162 -1.78 6.46 17.74
CA PRO A 162 -2.14 5.50 18.79
C PRO A 162 -3.58 5.64 19.23
N LEU A 163 -4.15 4.52 19.70
CA LEU A 163 -5.50 4.46 20.24
C LEU A 163 -5.45 3.85 21.63
N ALA A 164 -6.21 4.42 22.55
CA ALA A 164 -6.34 3.89 23.89
C ALA A 164 -7.65 3.11 23.93
N VAL A 165 -7.57 1.82 24.23
CA VAL A 165 -8.72 0.94 24.18
C VAL A 165 -9.26 0.74 25.58
N VAL A 166 -10.53 1.10 25.78
CA VAL A 166 -11.20 1.01 27.07
C VAL A 166 -12.20 -0.14 27.02
N LEU A 167 -12.26 -0.90 28.12
CA LEU A 167 -13.29 -1.93 28.29
C LEU A 167 -14.54 -1.28 28.88
N GLN A 168 -15.70 -1.86 28.55
CA GLN A 168 -16.97 -1.33 29.05
C GLN A 168 -17.94 -2.48 29.25
N HIS A 169 -18.89 -2.27 30.16
CA HIS A 169 -19.97 -3.22 30.36
C HIS A 169 -21.06 -3.03 29.32
N ALA B 1 22.50 -21.08 -22.18
CA ALA B 1 21.99 -19.90 -22.88
C ALA B 1 22.18 -18.76 -21.92
N LEU B 2 23.13 -18.96 -21.01
CA LEU B 2 23.18 -18.22 -19.76
C LEU B 2 21.86 -18.38 -19.00
N ASP B 3 21.37 -19.62 -19.00
CA ASP B 3 20.19 -20.04 -18.26
C ASP B 3 20.59 -20.94 -17.09
N ALA B 4 19.58 -21.43 -16.37
CA ALA B 4 19.86 -22.26 -15.19
C ALA B 4 20.60 -23.53 -15.56
N ALA B 5 20.22 -24.16 -16.67
CA ALA B 5 20.84 -25.43 -17.07
C ALA B 5 22.35 -25.27 -17.26
N TYR B 6 22.78 -24.17 -17.89
CA TYR B 6 24.21 -23.95 -18.07
C TYR B 6 24.85 -23.36 -16.81
N CYS B 7 24.29 -22.25 -16.32
CA CYS B 7 24.98 -21.47 -15.30
C CYS B 7 25.07 -22.21 -13.97
N PHE B 8 24.02 -22.94 -13.60
CA PHE B 8 24.05 -23.60 -12.29
C PHE B 8 24.99 -24.80 -12.26
N ARG B 9 25.35 -25.37 -13.41
CA ARG B 9 26.40 -26.39 -13.43
C ARG B 9 27.80 -25.79 -13.56
N ASN B 10 27.97 -24.77 -14.39
CA ASN B 10 29.28 -24.17 -14.62
C ASN B 10 29.34 -22.85 -13.84
N VAL B 11 29.61 -22.96 -12.54
CA VAL B 11 29.66 -21.80 -11.65
C VAL B 11 30.96 -21.06 -11.89
N GLN B 12 30.85 -19.79 -12.27
CA GLN B 12 32.00 -19.07 -12.82
C GLN B 12 31.81 -17.57 -12.59
N ASP B 13 32.89 -16.81 -12.82
CA ASP B 13 32.84 -15.37 -12.60
C ASP B 13 32.28 -14.58 -13.78
N ASN B 14 32.19 -15.18 -14.97
CA ASN B 14 31.63 -14.46 -16.10
C ASN B 14 30.12 -14.39 -15.99
N CYS B 15 29.53 -13.53 -16.83
CA CYS B 15 28.10 -13.22 -16.77
C CYS B 15 27.26 -14.49 -16.81
N CYS B 16 26.36 -14.64 -15.84
CA CYS B 16 25.56 -15.86 -15.74
C CYS B 16 24.39 -15.64 -14.81
N LEU B 17 23.40 -16.50 -14.94
CA LEU B 17 22.24 -16.47 -14.05
C LEU B 17 22.66 -16.92 -12.66
N ARG B 18 22.20 -16.18 -11.66
CA ARG B 18 22.46 -16.50 -10.26
C ARG B 18 21.16 -16.80 -9.54
N PRO B 19 21.10 -17.88 -8.75
CA PRO B 19 19.84 -18.19 -8.05
C PRO B 19 19.60 -17.21 -6.92
N LEU B 20 18.32 -16.85 -6.70
CA LEU B 20 18.01 -15.89 -5.64
C LEU B 20 16.54 -15.99 -5.25
N TYR B 21 16.28 -16.37 -4.00
CA TYR B 21 14.93 -16.33 -3.43
C TYR B 21 14.66 -14.97 -2.81
N ILE B 22 13.47 -14.44 -3.08
CA ILE B 22 13.02 -13.15 -2.58
C ILE B 22 11.75 -13.39 -1.76
N ASP B 23 11.73 -12.88 -0.53
CA ASP B 23 10.54 -12.88 0.32
C ASP B 23 9.90 -11.50 0.21
N PHE B 24 8.62 -11.45 -0.15
CA PHE B 24 8.00 -10.16 -0.49
C PHE B 24 8.03 -9.21 0.70
N ARG B 25 7.58 -9.68 1.86
CA ARG B 25 7.53 -8.79 3.01
C ARG B 25 8.93 -8.52 3.56
N LYS B 26 9.76 -9.55 3.65
CA LYS B 26 11.07 -9.40 4.30
C LYS B 26 12.11 -8.73 3.41
N ASP B 27 12.07 -8.94 2.10
CA ASP B 27 13.13 -8.48 1.23
C ASP B 27 12.75 -7.31 0.32
N LEU B 28 11.49 -7.23 -0.11
CA LEU B 28 11.04 -6.19 -1.02
C LEU B 28 10.20 -5.11 -0.36
N GLY B 29 9.61 -5.40 0.80
CA GLY B 29 8.67 -4.48 1.39
C GLY B 29 7.33 -4.39 0.69
N TRP B 30 6.99 -5.39 -0.13
CA TRP B 30 5.66 -5.43 -0.76
C TRP B 30 4.72 -6.17 0.18
N LYS B 31 4.01 -5.41 1.00
CA LYS B 31 3.11 -5.98 2.00
C LYS B 31 1.79 -6.48 1.43
N TRP B 32 1.42 -6.08 0.20
CA TRP B 32 0.08 -6.34 -0.31
C TRP B 32 -0.06 -7.67 -1.04
N ILE B 33 1.01 -8.43 -1.24
CA ILE B 33 0.88 -9.74 -1.86
C ILE B 33 0.63 -10.77 -0.77
N HIS B 34 -0.55 -11.39 -0.80
CA HIS B 34 -0.92 -12.34 0.24
C HIS B 34 -0.25 -13.70 0.01
N GLU B 35 -0.15 -14.13 -1.25
CA GLU B 35 0.48 -15.39 -1.62
C GLU B 35 1.12 -15.21 -2.99
N PRO B 36 2.29 -15.82 -3.24
CA PRO B 36 3.13 -16.60 -2.32
C PRO B 36 3.86 -15.71 -1.31
N LYS B 37 4.45 -16.34 -0.28
CA LYS B 37 5.31 -15.61 0.64
C LYS B 37 6.56 -15.11 -0.05
N GLY B 38 7.10 -15.89 -0.97
CA GLY B 38 8.30 -15.48 -1.69
C GLY B 38 8.39 -16.32 -2.94
N TYR B 39 9.48 -16.11 -3.68
CA TYR B 39 9.66 -16.85 -4.92
C TYR B 39 11.11 -16.68 -5.36
N ASN B 40 11.50 -17.52 -6.32
CA ASN B 40 12.86 -17.49 -6.86
C ASN B 40 12.89 -16.53 -8.04
N ALA B 41 13.39 -15.33 -7.79
CA ALA B 41 13.48 -14.29 -8.80
C ALA B 41 14.75 -14.44 -9.63
N ASN B 42 15.84 -14.83 -8.99
CA ASN B 42 17.18 -14.93 -9.58
C ASN B 42 17.67 -13.55 -10.01
N PHE B 43 18.92 -13.47 -10.44
CA PHE B 43 19.46 -12.25 -11.03
C PHE B 43 20.63 -12.62 -11.95
N CYS B 44 21.16 -11.60 -12.62
CA CYS B 44 22.20 -11.76 -13.61
C CYS B 44 23.44 -11.00 -13.13
N ALA B 45 24.59 -11.67 -13.13
CA ALA B 45 25.81 -10.98 -12.75
C ALA B 45 27.03 -11.71 -13.29
N GLY B 46 28.09 -10.95 -13.54
CA GLY B 46 29.35 -11.52 -13.97
C GLY B 46 30.01 -10.70 -15.06
N ALA B 47 31.28 -10.97 -15.32
CA ALA B 47 32.07 -10.20 -16.27
C ALA B 47 31.60 -10.45 -17.70
N CYS B 48 31.82 -9.45 -18.54
CA CYS B 48 31.45 -9.47 -19.96
C CYS B 48 32.69 -9.11 -20.77
N PRO B 49 32.74 -9.51 -22.04
CA PRO B 49 33.84 -9.06 -22.91
C PRO B 49 33.66 -7.63 -23.40
N TYR B 50 34.47 -7.18 -24.35
CA TYR B 50 34.22 -5.89 -24.99
C TYR B 50 33.88 -6.06 -26.47
N SER B 75 30.94 -0.64 -23.64
CA SER B 75 31.19 -1.15 -22.30
C SER B 75 29.98 -1.90 -21.75
N PRO B 76 29.87 -3.18 -22.08
CA PRO B 76 28.61 -3.91 -21.86
C PRO B 76 28.49 -4.45 -20.45
N ARG B 77 27.25 -4.85 -20.12
CA ARG B 77 26.90 -5.30 -18.79
C ARG B 77 26.08 -6.59 -18.85
N CYS B 78 26.17 -7.37 -17.78
CA CYS B 78 25.37 -8.58 -17.64
C CYS B 78 23.96 -8.18 -17.19
N ARG B 79 22.97 -8.54 -18.00
CA ARG B 79 21.59 -8.15 -17.72
C ARG B 79 20.63 -9.24 -18.13
N SER B 80 19.37 -9.07 -17.72
CA SER B 80 18.35 -10.09 -17.94
C SER B 80 17.98 -10.17 -19.42
N GLN B 81 17.70 -11.39 -19.88
CA GLN B 81 17.26 -11.60 -21.25
C GLN B 81 15.83 -12.12 -21.33
N ASP B 82 15.56 -13.28 -20.74
CA ASP B 82 14.22 -13.83 -20.70
C ASP B 82 13.70 -13.67 -19.28
N LEU B 83 12.48 -13.17 -19.16
CA LEU B 83 11.81 -12.99 -17.89
C LEU B 83 10.48 -13.72 -17.93
N GLU B 84 10.04 -14.22 -16.79
CA GLU B 84 8.77 -14.94 -16.72
C GLU B 84 7.85 -14.32 -15.68
N PRO B 85 6.54 -14.48 -15.85
CA PRO B 85 5.59 -13.91 -14.89
C PRO B 85 5.44 -14.80 -13.67
N LEU B 86 4.77 -14.24 -12.66
CA LEU B 86 4.52 -14.91 -11.40
C LEU B 86 3.06 -14.71 -11.03
N THR B 87 2.39 -15.82 -10.69
CA THR B 87 0.99 -15.78 -10.27
C THR B 87 0.95 -15.35 -8.80
N ILE B 88 0.13 -14.35 -8.48
CA ILE B 88 0.04 -13.79 -7.14
C ILE B 88 -1.42 -13.75 -6.68
N VAL B 89 -1.60 -13.70 -5.36
CA VAL B 89 -2.91 -13.51 -4.76
C VAL B 89 -2.86 -12.20 -3.98
N TYR B 90 -3.77 -11.28 -4.30
CA TYR B 90 -3.91 -10.03 -3.56
C TYR B 90 -5.40 -9.77 -3.32
N TYR B 91 -5.70 -8.69 -2.60
CA TYR B 91 -7.08 -8.37 -2.23
C TYR B 91 -7.42 -6.94 -2.63
N VAL B 92 -8.67 -6.75 -3.05
CA VAL B 92 -9.26 -5.42 -3.18
C VAL B 92 -10.52 -5.45 -2.33
N GLY B 93 -10.54 -4.67 -1.25
CA GLY B 93 -11.59 -4.84 -0.27
C GLY B 93 -11.52 -6.27 0.25
N ARG B 94 -12.66 -6.96 0.24
CA ARG B 94 -12.71 -8.37 0.58
C ARG B 94 -12.62 -9.29 -0.63
N LYS B 95 -12.41 -8.76 -1.82
CA LYS B 95 -12.36 -9.60 -3.02
C LYS B 95 -10.96 -10.18 -3.22
N PRO B 96 -10.79 -11.50 -3.18
CA PRO B 96 -9.51 -12.07 -3.58
C PRO B 96 -9.33 -12.00 -5.09
N LYS B 97 -8.13 -11.67 -5.51
CA LYS B 97 -7.82 -11.59 -6.93
C LYS B 97 -6.58 -12.42 -7.18
N VAL B 98 -6.56 -13.12 -8.29
CA VAL B 98 -5.41 -13.91 -8.70
C VAL B 98 -5.01 -13.42 -10.05
N GLU B 99 -3.75 -13.05 -10.22
CA GLU B 99 -3.29 -12.52 -11.47
C GLU B 99 -1.85 -12.88 -11.75
N GLN B 100 -1.45 -12.82 -13.01
CA GLN B 100 -0.06 -13.10 -13.38
C GLN B 100 0.72 -11.82 -13.57
N LEU B 101 1.60 -11.51 -12.64
CA LEU B 101 2.44 -10.31 -12.71
C LEU B 101 3.64 -10.59 -13.62
N SER B 102 3.74 -9.83 -14.71
CA SER B 102 4.82 -10.04 -15.67
C SER B 102 6.17 -9.60 -15.10
N ASN B 103 7.24 -10.07 -15.73
CA ASN B 103 8.62 -9.61 -15.49
C ASN B 103 9.13 -9.90 -14.08
N MET B 104 8.72 -11.03 -13.51
CA MET B 104 9.10 -11.30 -12.13
C MET B 104 10.27 -12.27 -11.97
N ILE B 105 10.46 -13.22 -12.88
CA ILE B 105 11.45 -14.28 -12.71
C ILE B 105 12.48 -14.13 -13.82
N VAL B 106 13.76 -14.01 -13.45
CA VAL B 106 14.83 -14.01 -14.44
C VAL B 106 15.14 -15.44 -14.84
N LYS B 107 15.01 -15.75 -16.13
CA LYS B 107 15.30 -17.09 -16.64
C LYS B 107 16.62 -17.19 -17.38
N SER B 108 17.12 -16.10 -18.00
CA SER B 108 18.40 -16.14 -18.69
C SER B 108 19.02 -14.77 -18.72
N CYS B 109 20.33 -14.74 -19.01
CA CYS B 109 21.13 -13.52 -19.01
C CYS B 109 21.82 -13.35 -20.35
N LYS B 110 22.26 -12.11 -20.60
CA LYS B 110 22.99 -11.77 -21.81
C LYS B 110 23.92 -10.59 -21.53
N CYS B 111 25.03 -10.54 -22.27
CA CYS B 111 25.97 -9.42 -22.18
C CYS B 111 25.56 -8.37 -23.20
N SER B 112 25.31 -7.16 -22.73
CA SER B 112 24.77 -6.10 -23.56
C SER B 112 25.21 -4.74 -23.02
#